data_7LZR
#
_entry.id   7LZR
#
_cell.length_a   55.363
_cell.length_b   73.055
_cell.length_c   64.421
_cell.angle_alpha   90.000
_cell.angle_beta   109.498
_cell.angle_gamma   90.000
#
_symmetry.space_group_name_H-M   'P 1 21 1'
#
loop_
_entity.id
_entity.type
_entity.pdbx_description
1 polymer 'B-cell lymphoma 6 protein'
2 non-polymer 'SULFATE ION'
3 non-polymer GLYCEROL
4 non-polymer 'CHLORIDE ION'
5 non-polymer N-[5-chloro-2-(morpholin-4-yl)pyridin-4-yl]-2-[5-(3-cyano-4-hydroxy-5-methylphenyl)-3-methyl-4-oxo-3,4-dihydro-7H-pyrrolo[2,3-d]pyrimidin-7-yl]acetamide
6 water water
#
_entity_poly.entity_id   1
_entity_poly.type   'polypeptide(L)'
_entity_poly.pdbx_seq_one_letter_code
;ADSQIQFTRHASDVLLNLNRLRSRDILTDVVIVVSREQFRAHKTVLMACSGLFYSIFTDQLKRNLSVINLDPEINPEGFN
ILLDFMYTSRLNLREGNIMAVMATAMYLQMEHVVDTCRKFIKASE
;
_entity_poly.pdbx_strand_id   A,B,C,D
#
loop_
_chem_comp.id
_chem_comp.type
_chem_comp.name
_chem_comp.formula
CL non-polymer 'CHLORIDE ION' 'Cl -1'
GOL non-polymer GLYCEROL 'C3 H8 O3'
SO4 non-polymer 'SULFATE ION' 'O4 S -2'
YJJ non-polymer N-[5-chloro-2-(morpholin-4-yl)pyridin-4-yl]-2-[5-(3-cyano-4-hydroxy-5-methylphenyl)-3-methyl-4-oxo-3,4-dihydro-7H-pyrrolo[2,3-d]pyrimidin-7-yl]acetamide 'C26 H24 Cl N7 O4'
#
# COMPACT_ATOMS: atom_id res chain seq x y z
N ASP A 2 1.06 -22.36 -5.52
CA ASP A 2 0.85 -20.92 -5.47
C ASP A 2 -0.63 -20.66 -5.65
N SER A 3 -1.18 -19.79 -4.82
CA SER A 3 -2.59 -19.44 -4.89
C SER A 3 -2.77 -17.98 -4.45
N GLN A 4 -3.55 -17.20 -5.18
CA GLN A 4 -3.81 -15.80 -4.79
C GLN A 4 -5.31 -15.87 -4.45
N ILE A 5 -5.65 -15.78 -3.18
CA ILE A 5 -7.00 -16.04 -2.78
C ILE A 5 -7.76 -14.82 -2.32
N GLN A 6 -8.98 -14.66 -2.83
CA GLN A 6 -9.81 -13.53 -2.43
C GLN A 6 -10.92 -14.08 -1.54
N PHE A 7 -11.07 -13.48 -0.38
CA PHE A 7 -12.05 -13.89 0.59
C PHE A 7 -13.26 -12.99 0.42
N THR A 8 -14.32 -13.53 -0.14
CA THR A 8 -15.43 -12.70 -0.58
C THR A 8 -16.24 -12.08 0.56
N ARG A 9 -16.30 -12.71 1.72
CA ARG A 9 -17.07 -12.20 2.85
C ARG A 9 -16.24 -11.37 3.83
N HIS A 10 -14.94 -11.27 3.61
CA HIS A 10 -14.05 -10.59 4.60
C HIS A 10 -14.41 -9.14 4.82
N ALA A 11 -14.63 -8.39 3.73
CA ALA A 11 -14.93 -6.95 3.89
C ALA A 11 -16.25 -6.73 4.65
N SER A 12 -17.26 -7.50 4.31
CA SER A 12 -18.54 -7.36 5.03
CA SER A 12 -18.55 -7.40 5.05
C SER A 12 -18.39 -7.73 6.51
N ASP A 13 -17.59 -8.75 6.81
CA ASP A 13 -17.36 -9.11 8.19
C ASP A 13 -16.55 -8.06 8.95
N VAL A 14 -15.58 -7.45 8.28
CA VAL A 14 -14.88 -6.33 8.87
C VAL A 14 -15.86 -5.20 9.20
N LEU A 15 -16.72 -4.86 8.25
CA LEU A 15 -17.66 -3.78 8.49
C LEU A 15 -18.61 -4.09 9.65
N LEU A 16 -19.08 -5.33 9.71
CA LEU A 16 -19.92 -5.77 10.82
C LEU A 16 -19.19 -5.54 12.15
N ASN A 17 -17.93 -5.92 12.20
CA ASN A 17 -17.15 -5.73 13.44
C ASN A 17 -16.91 -4.27 13.76
N LEU A 18 -16.70 -3.43 12.73
CA LEU A 18 -16.63 -2.02 12.96
C LEU A 18 -17.93 -1.44 13.54
N ASN A 19 -19.05 -1.88 12.98
CA ASN A 19 -20.34 -1.49 13.52
C ASN A 19 -20.52 -1.96 14.96
N ARG A 20 -20.07 -3.19 15.26
CA ARG A 20 -20.08 -3.70 16.63
C ARG A 20 -19.29 -2.80 17.57
N LEU A 21 -18.10 -2.38 17.13
CA LEU A 21 -17.31 -1.46 17.93
C LEU A 21 -18.03 -0.13 18.12
N ARG A 22 -18.58 0.40 17.05
CA ARG A 22 -19.30 1.68 17.13
C ARG A 22 -20.45 1.57 18.12
N SER A 23 -21.21 0.48 18.03
CA SER A 23 -22.38 0.30 18.91
C SER A 23 -22.01 0.34 20.37
N ARG A 24 -20.79 -0.10 20.69
CA ARG A 24 -20.29 -0.18 22.04
C ARG A 24 -19.44 1.00 22.44
N ASP A 25 -19.34 1.98 21.54
CA ASP A 25 -18.53 3.19 21.76
C ASP A 25 -17.05 2.89 21.92
N ILE A 26 -16.57 1.84 21.25
CA ILE A 26 -15.17 1.46 21.35
C ILE A 26 -14.34 2.07 20.21
N LEU A 27 -13.35 2.87 20.61
CA LEU A 27 -12.43 3.52 19.71
C LEU A 27 -13.04 4.62 18.83
N THR A 28 -14.29 4.95 19.09
CA THR A 28 -14.89 6.10 18.47
C THR A 28 -14.10 7.33 18.89
N ASP A 29 -13.93 8.22 17.94
CA ASP A 29 -13.03 9.35 18.12
C ASP A 29 -13.57 10.68 17.67
N VAL A 30 -14.87 10.73 17.39
CA VAL A 30 -15.48 12.00 17.03
C VAL A 30 -16.94 11.92 17.40
N VAL A 31 -17.47 13.12 17.72
CA VAL A 31 -18.92 13.30 17.77
CA VAL A 31 -18.91 13.37 17.81
C VAL A 31 -19.29 14.31 16.67
N ILE A 32 -20.22 13.90 15.85
CA ILE A 32 -20.76 14.74 14.79
C ILE A 32 -22.06 15.36 15.36
N VAL A 33 -22.14 16.67 15.27
CA VAL A 33 -23.30 17.39 15.79
C VAL A 33 -24.12 17.93 14.63
N VAL A 34 -25.40 17.57 14.62
CA VAL A 34 -26.33 18.00 13.59
C VAL A 34 -27.56 18.60 14.26
N SER A 35 -27.68 19.92 14.26
CA SER A 35 -28.76 20.65 14.99
C SER A 35 -28.97 19.99 16.39
N ARG A 36 -30.13 19.27 16.59
CA ARG A 36 -30.68 18.50 17.81
C ARG A 36 -30.27 16.96 18.08
N GLU A 37 -29.32 16.49 17.30
CA GLU A 37 -28.70 15.29 17.60
C GLU A 37 -27.07 15.29 17.51
N GLN A 38 -26.47 14.51 18.38
CA GLN A 38 -25.02 14.20 18.42
C GLN A 38 -24.89 12.72 17.98
N PHE A 39 -23.86 12.40 17.20
CA PHE A 39 -23.63 11.02 16.74
C PHE A 39 -22.14 10.69 16.92
N ARG A 40 -21.83 9.57 17.58
CA ARG A 40 -20.44 9.13 17.73
C ARG A 40 -20.07 8.21 16.61
N ALA A 41 -18.82 8.34 16.17
CA ALA A 41 -18.35 7.51 15.04
C ALA A 41 -16.82 7.40 15.06
N HIS A 42 -16.34 6.58 14.11
CA HIS A 42 -14.93 6.47 13.79
C HIS A 42 -14.62 7.36 12.61
N LYS A 43 -13.67 8.29 12.79
CA LYS A 43 -13.28 9.14 11.69
C LYS A 43 -12.90 8.36 10.45
N THR A 44 -12.17 7.25 10.63
CA THR A 44 -11.73 6.51 9.45
C THR A 44 -12.92 6.01 8.61
N VAL A 45 -13.97 5.52 9.28
CA VAL A 45 -15.16 5.06 8.54
C VAL A 45 -15.82 6.24 7.83
N LEU A 46 -15.97 7.33 8.54
CA LEU A 46 -16.58 8.50 7.92
C LEU A 46 -15.84 8.92 6.66
N MET A 47 -14.50 9.00 6.76
CA MET A 47 -13.67 9.31 5.60
C MET A 47 -13.88 8.35 4.45
N ALA A 48 -13.96 7.07 4.80
CA ALA A 48 -14.13 6.02 3.81
C ALA A 48 -15.45 6.06 3.04
N CYS A 49 -16.44 6.75 3.61
CA CYS A 49 -17.81 6.69 3.07
C CYS A 49 -18.35 8.04 2.56
N SER A 50 -17.61 9.13 2.70
CA SER A 50 -18.17 10.46 2.45
C SER A 50 -17.12 11.39 1.93
N GLY A 51 -17.41 12.06 0.81
CA GLY A 51 -16.47 13.08 0.32
C GLY A 51 -16.30 14.21 1.30
N LEU A 52 -17.40 14.61 1.97
CA LEU A 52 -17.28 15.70 2.93
C LEU A 52 -16.37 15.34 4.09
N PHE A 53 -16.59 14.18 4.69
CA PHE A 53 -15.75 13.82 5.82
C PHE A 53 -14.27 13.55 5.38
N TYR A 54 -14.10 13.00 4.19
CA TYR A 54 -12.77 12.83 3.66
C TYR A 54 -12.08 14.17 3.62
N SER A 55 -12.74 15.17 3.08
CA SER A 55 -12.15 16.53 3.05
C SER A 55 -11.90 17.13 4.41
N ILE A 56 -12.88 16.99 5.31
CA ILE A 56 -12.74 17.53 6.64
C ILE A 56 -11.52 16.94 7.36
N PHE A 57 -11.44 15.60 7.44
CA PHE A 57 -10.43 15.01 8.28
C PHE A 57 -9.07 14.88 7.59
N THR A 58 -8.99 15.09 6.29
CA THR A 58 -7.68 15.18 5.69
C THR A 58 -7.02 16.52 6.06
N ASP A 59 -7.82 17.57 6.24
CA ASP A 59 -7.36 18.89 6.61
C ASP A 59 -6.66 18.78 7.96
N GLN A 60 -5.36 19.07 8.00
CA GLN A 60 -4.62 18.92 9.24
C GLN A 60 -5.10 19.81 10.40
N LEU A 61 -5.80 20.88 10.09
CA LEU A 61 -6.38 21.74 11.11
C LEU A 61 -7.62 21.11 11.78
N LYS A 62 -8.25 20.16 11.09
CA LYS A 62 -9.48 19.54 11.58
C LYS A 62 -9.32 18.07 11.96
N ARG A 63 -8.22 17.45 11.52
CA ARG A 63 -8.08 16.02 11.65
C ARG A 63 -8.22 15.49 13.05
N ASN A 64 -7.70 16.22 14.02
CA ASN A 64 -7.69 15.76 15.42
C ASN A 64 -8.81 16.37 16.27
N LEU A 65 -9.76 17.08 15.64
CA LEU A 65 -10.91 17.57 16.39
C LEU A 65 -11.72 16.43 16.92
N SER A 66 -12.28 16.60 18.13
CA SER A 66 -13.15 15.53 18.69
C SER A 66 -14.64 15.81 18.48
N VAL A 67 -14.96 17.01 17.99
CA VAL A 67 -16.33 17.40 17.68
C VAL A 67 -16.35 18.11 16.33
N ILE A 68 -17.28 17.69 15.46
CA ILE A 68 -17.50 18.38 14.18
C ILE A 68 -18.94 18.81 14.14
N ASN A 69 -19.16 20.10 13.92
CA ASN A 69 -20.51 20.64 13.76
C ASN A 69 -20.86 20.72 12.30
N LEU A 70 -21.86 19.99 11.89
CA LEU A 70 -22.32 20.08 10.51
C LEU A 70 -23.31 21.23 10.34
N ASP A 71 -23.64 21.51 9.11
CA ASP A 71 -24.65 22.48 8.79
C ASP A 71 -25.91 22.19 9.61
N PRO A 72 -26.40 23.17 10.41
CA PRO A 72 -27.57 22.90 11.22
C PRO A 72 -28.91 22.79 10.46
N GLU A 73 -28.90 23.08 9.17
CA GLU A 73 -30.06 22.83 8.30
C GLU A 73 -30.20 21.41 7.82
N ILE A 74 -29.18 20.60 8.05
CA ILE A 74 -29.27 19.19 7.72
C ILE A 74 -30.24 18.50 8.64
N ASN A 75 -31.06 17.66 8.04
CA ASN A 75 -32.02 16.84 8.79
C ASN A 75 -31.28 15.73 9.57
N PRO A 76 -31.37 15.77 10.91
CA PRO A 76 -30.66 14.74 11.68
C PRO A 76 -31.11 13.31 11.41
N GLU A 77 -32.38 13.12 11.09
CA GLU A 77 -32.83 11.80 10.74
C GLU A 77 -32.20 11.32 9.44
N GLY A 78 -32.14 12.21 8.47
CA GLY A 78 -31.41 11.90 7.26
C GLY A 78 -29.94 11.53 7.52
N PHE A 79 -29.29 12.31 8.38
CA PHE A 79 -27.93 11.95 8.75
C PHE A 79 -27.86 10.58 9.43
N ASN A 80 -28.77 10.31 10.34
CA ASN A 80 -28.77 9.03 11.04
C ASN A 80 -28.94 7.87 10.07
N ILE A 81 -29.81 8.03 9.10
CA ILE A 81 -30.01 6.99 8.09
C ILE A 81 -28.73 6.73 7.29
N LEU A 82 -28.02 7.80 6.96
CA LEU A 82 -26.78 7.64 6.20
C LEU A 82 -25.64 7.09 7.05
N LEU A 83 -25.56 7.47 8.33
CA LEU A 83 -24.55 6.91 9.23
C LEU A 83 -24.76 5.40 9.37
N ASP A 84 -26.02 4.99 9.54
CA ASP A 84 -26.33 3.58 9.66
C ASP A 84 -25.93 2.86 8.38
N PHE A 85 -26.22 3.46 7.23
CA PHE A 85 -25.80 2.90 5.96
C PHE A 85 -24.26 2.72 5.89
N MET A 86 -23.53 3.74 6.31
CA MET A 86 -22.07 3.63 6.29
C MET A 86 -21.56 2.35 6.97
N TYR A 87 -22.18 2.03 8.10
CA TYR A 87 -21.72 0.94 8.94
C TYR A 87 -22.38 -0.41 8.65
N THR A 88 -23.33 -0.45 7.71
CA THR A 88 -24.09 -1.69 7.46
C THR A 88 -24.26 -2.07 5.99
N SER A 89 -24.07 -1.13 5.04
CA SER A 89 -24.38 -1.33 3.65
C SER A 89 -25.87 -1.31 3.31
N ARG A 90 -26.70 -1.05 4.33
CA ARG A 90 -28.14 -1.10 4.15
C ARG A 90 -28.73 0.29 4.29
N LEU A 91 -29.60 0.66 3.35
CA LEU A 91 -30.15 2.00 3.31
C LEU A 91 -31.65 1.98 3.54
N ASN A 92 -32.10 2.60 4.62
CA ASN A 92 -33.53 2.58 4.97
C ASN A 92 -34.24 3.71 4.25
N LEU A 93 -34.55 3.52 2.96
CA LEU A 93 -35.22 4.54 2.14
C LEU A 93 -36.70 4.34 2.10
N ARG A 94 -37.43 5.40 2.40
CA ARG A 94 -38.89 5.33 2.46
C ARG A 94 -39.48 6.57 1.80
N GLU A 95 -40.75 6.53 1.43
CA GLU A 95 -41.33 7.72 0.83
C GLU A 95 -41.24 8.87 1.81
N GLY A 96 -41.36 8.57 3.08
CA GLY A 96 -41.32 9.62 4.10
C GLY A 96 -39.97 10.21 4.41
N ASN A 97 -38.90 9.57 3.94
CA ASN A 97 -37.55 10.12 4.15
C ASN A 97 -36.70 10.36 2.94
N ILE A 98 -37.22 10.04 1.76
CA ILE A 98 -36.35 10.02 0.60
C ILE A 98 -35.74 11.39 0.29
N MET A 99 -36.54 12.44 0.40
CA MET A 99 -36.03 13.77 0.06
C MET A 99 -34.93 14.19 1.02
N ALA A 100 -35.12 13.95 2.31
CA ALA A 100 -34.16 14.28 3.33
C ALA A 100 -32.89 13.45 3.20
N VAL A 101 -33.04 12.18 2.90
CA VAL A 101 -31.86 11.34 2.70
C VAL A 101 -31.09 11.82 1.47
N MET A 102 -31.80 12.15 0.39
CA MET A 102 -31.14 12.60 -0.84
C MET A 102 -30.36 13.87 -0.58
N ALA A 103 -30.99 14.87 0.03
CA ALA A 103 -30.33 16.17 0.25
C ALA A 103 -29.13 15.95 1.19
N THR A 104 -29.29 15.10 2.20
CA THR A 104 -28.18 14.86 3.11
C THR A 104 -27.01 14.15 2.40
N ALA A 105 -27.35 13.20 1.56
CA ALA A 105 -26.30 12.50 0.81
C ALA A 105 -25.58 13.41 -0.19
N MET A 106 -26.29 14.42 -0.73
CA MET A 106 -25.61 15.42 -1.55
C MET A 106 -24.59 16.19 -0.72
N TYR A 107 -25.02 16.65 0.45
CA TYR A 107 -24.15 17.41 1.33
C TYR A 107 -22.95 16.59 1.81
N LEU A 108 -23.20 15.31 2.14
CA LEU A 108 -22.11 14.43 2.58
C LEU A 108 -21.22 13.95 1.43
N GLN A 109 -21.67 14.19 0.21
CA GLN A 109 -20.94 13.76 -0.98
C GLN A 109 -20.85 12.24 -1.06
N MET A 110 -22.03 11.62 -1.14
CA MET A 110 -22.19 10.18 -1.19
C MET A 110 -22.96 9.83 -2.46
N GLU A 111 -22.24 9.70 -3.55
CA GLU A 111 -22.87 9.73 -4.86
C GLU A 111 -23.79 8.51 -5.12
N HIS A 112 -23.37 7.33 -4.71
CA HIS A 112 -24.17 6.15 -5.02
C HIS A 112 -25.56 6.25 -4.33
N VAL A 113 -25.56 6.75 -3.12
CA VAL A 113 -26.86 6.98 -2.43
C VAL A 113 -27.68 8.01 -3.18
N VAL A 114 -27.08 9.10 -3.58
CA VAL A 114 -27.83 10.11 -4.33
C VAL A 114 -28.44 9.50 -5.57
N ASP A 115 -27.66 8.72 -6.29
CA ASP A 115 -28.17 8.09 -7.49
C ASP A 115 -29.32 7.09 -7.17
N THR A 116 -29.16 6.35 -6.08
CA THR A 116 -30.21 5.45 -5.66
C THR A 116 -31.50 6.21 -5.30
N CYS A 117 -31.35 7.37 -4.67
CA CYS A 117 -32.53 8.22 -4.41
C CYS A 117 -33.19 8.66 -5.71
N ARG A 118 -32.40 8.99 -6.73
CA ARG A 118 -32.97 9.36 -8.02
C ARG A 118 -33.72 8.18 -8.61
N LYS A 119 -33.17 6.96 -8.48
CA LYS A 119 -33.87 5.77 -8.95
C LYS A 119 -35.20 5.55 -8.20
N PHE A 120 -35.20 5.83 -6.91
CA PHE A 120 -36.40 5.69 -6.07
C PHE A 120 -37.47 6.65 -6.56
N ILE A 121 -37.05 7.88 -6.85
CA ILE A 121 -37.92 8.92 -7.37
C ILE A 121 -38.48 8.50 -8.74
N LYS A 122 -37.65 7.97 -9.60
CA LYS A 122 -38.07 7.54 -10.92
C LYS A 122 -39.14 6.45 -10.83
N ALA A 123 -39.00 5.53 -9.89
CA ALA A 123 -39.94 4.44 -9.72
C ALA A 123 -41.15 4.77 -8.86
N SER A 124 -41.17 5.94 -8.25
CA SER A 124 -42.27 6.32 -7.36
C SER A 124 -43.57 6.69 -8.07
CA SER B 3 -37.73 -0.87 1.93
C SER B 3 -36.25 -0.67 2.23
N GLN B 4 -35.60 -1.72 2.77
CA GLN B 4 -34.16 -1.74 3.19
C GLN B 4 -33.26 -2.18 2.03
N ILE B 5 -32.67 -1.25 1.28
CA ILE B 5 -31.86 -1.51 0.06
C ILE B 5 -30.45 -1.96 0.45
N GLN B 6 -29.94 -3.04 -0.14
CA GLN B 6 -28.59 -3.54 0.21
C GLN B 6 -27.59 -3.14 -0.89
N PHE B 7 -26.44 -2.55 -0.54
CA PHE B 7 -25.42 -2.12 -1.47
C PHE B 7 -24.28 -3.15 -1.38
N THR B 8 -24.20 -4.02 -2.40
CA THR B 8 -23.35 -5.19 -2.33
C THR B 8 -21.84 -4.85 -2.37
N ARG B 9 -21.43 -3.73 -2.94
CA ARG B 9 -20.04 -3.38 -3.07
C ARG B 9 -19.55 -2.41 -1.99
N HIS B 10 -20.47 -1.94 -1.13
CA HIS B 10 -20.14 -0.93 -0.14
C HIS B 10 -19.00 -1.36 0.80
N ALA B 11 -19.16 -2.54 1.41
CA ALA B 11 -18.15 -2.95 2.40
C ALA B 11 -16.75 -3.07 1.77
N SER B 12 -16.67 -3.62 0.56
CA SER B 12 -15.37 -3.75 -0.06
CA SER B 12 -15.41 -3.73 -0.11
C SER B 12 -14.77 -2.38 -0.36
N ASP B 13 -15.61 -1.44 -0.77
CA ASP B 13 -15.13 -0.10 -1.03
C ASP B 13 -14.66 0.62 0.25
N VAL B 14 -15.30 0.46 1.32
CA VAL B 14 -14.85 0.94 2.62
C VAL B 14 -13.49 0.36 2.97
N LEU B 15 -13.36 -0.94 2.82
CA LEU B 15 -12.10 -1.56 3.20
C LEU B 15 -10.95 -1.02 2.36
N LEU B 16 -11.18 -0.87 1.07
CA LEU B 16 -10.12 -0.33 0.24
C LEU B 16 -9.76 1.10 0.59
N ASN B 17 -10.75 1.90 0.96
CA ASN B 17 -10.48 3.26 1.41
C ASN B 17 -9.72 3.23 2.75
N LEU B 18 -10.05 2.31 3.66
CA LEU B 18 -9.24 2.18 4.87
C LEU B 18 -7.80 1.83 4.56
N ASN B 19 -7.59 0.96 3.59
CA ASN B 19 -6.23 0.60 3.16
C ASN B 19 -5.48 1.82 2.64
N ARG B 20 -6.18 2.66 1.88
CA ARG B 20 -5.58 3.88 1.37
C ARG B 20 -5.19 4.80 2.53
N LEU B 21 -6.01 4.89 3.56
CA LEU B 21 -5.66 5.71 4.72
C LEU B 21 -4.44 5.12 5.42
N ARG B 22 -4.37 3.81 5.55
CA ARG B 22 -3.18 3.19 6.12
C ARG B 22 -1.93 3.50 5.31
N SER B 23 -2.06 3.44 3.97
CA SER B 23 -0.91 3.73 3.10
C SER B 23 -0.39 5.16 3.22
N ARG B 24 -1.29 6.09 3.53
CA ARG B 24 -0.96 7.48 3.71
C ARG B 24 -0.68 7.83 5.19
N ASP B 25 -0.76 6.84 6.07
CA ASP B 25 -0.52 7.02 7.51
C ASP B 25 -1.53 7.96 8.16
N ILE B 26 -2.76 7.95 7.66
CA ILE B 26 -3.78 8.84 8.17
C ILE B 26 -4.60 8.14 9.26
N LEU B 27 -4.54 8.74 10.46
CA LEU B 27 -5.30 8.31 11.62
C LEU B 27 -4.90 6.93 12.16
N THR B 28 -3.77 6.41 11.71
CA THR B 28 -3.20 5.24 12.35
C THR B 28 -2.90 5.57 13.81
N ASP B 29 -3.12 4.58 14.66
CA ASP B 29 -3.04 4.77 16.07
C ASP B 29 -2.26 3.72 16.82
N VAL B 30 -1.57 2.85 16.05
CA VAL B 30 -0.72 1.85 16.71
C VAL B 30 0.41 1.48 15.78
N VAL B 31 1.55 1.15 16.40
CA VAL B 31 2.64 0.53 15.65
CA VAL B 31 2.68 0.54 15.70
C VAL B 31 2.84 -0.87 16.23
N ILE B 32 2.86 -1.84 15.32
CA ILE B 32 3.10 -3.25 15.65
C ILE B 32 4.53 -3.56 15.32
N VAL B 33 5.27 -4.04 16.32
CA VAL B 33 6.69 -4.38 16.13
C VAL B 33 6.86 -5.88 16.08
N VAL B 34 7.50 -6.34 15.01
CA VAL B 34 7.74 -7.75 14.78
C VAL B 34 9.22 -7.90 14.50
N SER B 35 9.97 -8.40 15.50
CA SER B 35 11.45 -8.48 15.43
C SER B 35 11.98 -7.13 15.00
N ARG B 36 12.72 -7.03 13.89
CA ARG B 36 13.33 -5.71 13.66
C ARG B 36 12.38 -4.71 12.93
N GLU B 37 11.13 -5.11 12.68
CA GLU B 37 10.27 -4.42 11.73
C GLU B 37 9.06 -3.81 12.40
N GLN B 38 8.62 -2.66 11.86
CA GLN B 38 7.48 -1.90 12.42
C GLN B 38 6.40 -1.73 11.36
N PHE B 39 5.14 -1.83 11.78
CA PHE B 39 4.00 -1.69 10.89
C PHE B 39 2.96 -0.79 11.57
N ARG B 40 2.57 0.27 10.90
CA ARG B 40 1.50 1.15 11.42
C ARG B 40 0.14 0.70 10.94
N ALA B 41 -0.85 0.84 11.82
CA ALA B 41 -2.19 0.35 11.47
C ALA B 41 -3.24 1.08 12.31
N HIS B 42 -4.48 0.74 12.05
CA HIS B 42 -5.62 1.21 12.82
C HIS B 42 -6.07 0.13 13.77
N LYS B 43 -6.17 0.47 15.07
CA LYS B 43 -6.62 -0.54 16.05
C LYS B 43 -7.98 -1.12 15.67
N THR B 44 -8.87 -0.29 15.14
CA THR B 44 -10.19 -0.79 14.81
C THR B 44 -10.14 -1.92 13.81
N VAL B 45 -9.29 -1.78 12.76
CA VAL B 45 -9.19 -2.83 11.75
C VAL B 45 -8.51 -4.09 12.33
N LEU B 46 -7.48 -3.88 13.13
CA LEU B 46 -6.81 -5.03 13.77
C LEU B 46 -7.80 -5.82 14.63
N MET B 47 -8.61 -5.11 15.44
CA MET B 47 -9.58 -5.77 16.27
C MET B 47 -10.64 -6.49 15.47
N ALA B 48 -11.02 -5.88 14.35
CA ALA B 48 -12.02 -6.46 13.48
C ALA B 48 -11.59 -7.76 12.78
N CYS B 49 -10.26 -7.98 12.69
CA CYS B 49 -9.71 -9.04 11.88
C CYS B 49 -8.93 -10.13 12.67
N SER B 50 -8.74 -9.98 13.98
CA SER B 50 -7.80 -10.84 14.69
C SER B 50 -8.27 -11.06 16.12
N GLY B 51 -8.31 -12.32 16.55
CA GLY B 51 -8.61 -12.63 17.93
C GLY B 51 -7.54 -12.09 18.87
N LEU B 52 -6.27 -12.15 18.45
CA LEU B 52 -5.22 -11.67 19.32
C LEU B 52 -5.36 -10.16 19.53
N PHE B 53 -5.52 -9.40 18.43
CA PHE B 53 -5.63 -7.95 18.60
C PHE B 53 -6.94 -7.55 19.34
N TYR B 54 -8.00 -8.30 19.09
CA TYR B 54 -9.25 -8.02 19.80
C TYR B 54 -9.02 -8.22 21.30
N SER B 55 -8.31 -9.29 21.69
CA SER B 55 -7.99 -9.52 23.10
CA SER B 55 -8.00 -9.52 23.11
C SER B 55 -7.10 -8.45 23.69
N ILE B 56 -6.05 -8.06 22.94
CA ILE B 56 -5.16 -7.02 23.41
C ILE B 56 -5.90 -5.71 23.66
N PHE B 57 -6.71 -5.28 22.67
CA PHE B 57 -7.26 -3.95 22.72
C PHE B 57 -8.58 -3.89 23.54
N THR B 58 -9.03 -5.03 24.09
CA THR B 58 -10.05 -5.08 25.15
C THR B 58 -9.52 -5.32 26.55
N ASP B 59 -8.23 -5.55 26.66
CA ASP B 59 -7.54 -5.73 27.96
C ASP B 59 -7.28 -4.35 28.64
N GLN B 60 -7.69 -4.16 29.90
CA GLN B 60 -7.44 -2.86 30.61
C GLN B 60 -5.97 -2.44 30.60
N LEU B 61 -5.10 -3.43 30.72
CA LEU B 61 -3.69 -3.15 30.89
C LEU B 61 -2.98 -2.77 29.58
N LYS B 62 -3.50 -3.23 28.44
CA LYS B 62 -2.83 -3.05 27.14
C LYS B 62 -3.57 -2.17 26.17
N ARG B 63 -4.84 -1.89 26.45
CA ARG B 63 -5.67 -1.27 25.44
C ARG B 63 -5.23 0.15 25.02
N ASN B 64 -4.60 0.90 25.90
CA ASN B 64 -4.15 2.27 25.54
C ASN B 64 -2.70 2.37 25.01
N LEU B 65 -2.04 1.23 24.82
CA LEU B 65 -0.69 1.23 24.26
C LEU B 65 -0.68 1.66 22.80
N SER B 66 0.33 2.45 22.42
CA SER B 66 0.50 2.92 21.05
C SER B 66 1.49 2.05 20.29
N VAL B 67 2.18 1.15 21.00
CA VAL B 67 3.19 0.24 20.44
C VAL B 67 2.89 -1.15 21.03
N ILE B 68 2.78 -2.13 20.15
CA ILE B 68 2.59 -3.51 20.56
C ILE B 68 3.75 -4.31 19.97
N ASN B 69 4.46 -4.99 20.87
CA ASN B 69 5.55 -5.90 20.46
C ASN B 69 5.01 -7.29 20.37
N LEU B 70 5.02 -7.84 19.17
CA LEU B 70 4.67 -9.22 18.98
C LEU B 70 5.82 -10.15 19.33
N ASP B 71 5.49 -11.43 19.46
CA ASP B 71 6.50 -12.47 19.65
C ASP B 71 7.56 -12.31 18.57
N PRO B 72 8.84 -12.16 18.95
CA PRO B 72 9.89 -11.98 17.93
C PRO B 72 10.17 -13.22 17.08
N GLU B 73 9.58 -14.35 17.45
CA GLU B 73 9.63 -15.54 16.63
C GLU B 73 8.74 -15.46 15.38
N ILE B 74 7.83 -14.48 15.34
CA ILE B 74 6.96 -14.29 14.19
C ILE B 74 7.78 -13.74 13.04
N ASN B 75 7.58 -14.30 11.88
CA ASN B 75 8.23 -13.87 10.67
C ASN B 75 7.59 -12.55 10.20
N PRO B 76 8.40 -11.48 10.04
CA PRO B 76 7.78 -10.20 9.62
C PRO B 76 7.12 -10.25 8.26
N GLU B 77 7.64 -11.05 7.31
CA GLU B 77 6.96 -11.23 6.03
C GLU B 77 5.62 -11.86 6.24
N GLY B 78 5.56 -12.89 7.09
CA GLY B 78 4.28 -13.51 7.39
C GLY B 78 3.29 -12.47 7.96
N PHE B 79 3.76 -11.67 8.90
CA PHE B 79 2.92 -10.63 9.44
C PHE B 79 2.48 -9.66 8.36
N ASN B 80 3.39 -9.23 7.51
CA ASN B 80 3.03 -8.25 6.46
C ASN B 80 1.96 -8.87 5.56
N ILE B 81 2.08 -10.15 5.21
CA ILE B 81 1.08 -10.78 4.34
C ILE B 81 -0.29 -10.73 5.03
N LEU B 82 -0.35 -11.02 6.32
CA LEU B 82 -1.63 -11.04 7.03
C LEU B 82 -2.18 -9.64 7.23
N LEU B 83 -1.33 -8.64 7.47
CA LEU B 83 -1.77 -7.27 7.57
C LEU B 83 -2.36 -6.79 6.26
N ASP B 84 -1.72 -7.12 5.15
CA ASP B 84 -2.27 -6.77 3.85
C ASP B 84 -3.61 -7.47 3.60
N PHE B 85 -3.71 -8.73 3.99
CA PHE B 85 -4.98 -9.43 3.90
C PHE B 85 -6.08 -8.70 4.70
N MET B 86 -5.76 -8.26 5.90
CA MET B 86 -6.77 -7.59 6.71
C MET B 86 -7.39 -6.42 5.95
N TYR B 87 -6.53 -5.66 5.28
CA TYR B 87 -6.94 -4.44 4.62
C TYR B 87 -7.34 -4.61 3.15
N THR B 88 -7.36 -5.82 2.61
CA THR B 88 -7.66 -6.03 1.21
C THR B 88 -8.52 -7.24 0.87
N SER B 89 -8.66 -8.20 1.80
CA SER B 89 -9.35 -9.48 1.56
C SER B 89 -8.57 -10.47 0.68
N ARG B 90 -7.34 -10.11 0.32
CA ARG B 90 -6.54 -10.92 -0.59
C ARG B 90 -5.35 -11.51 0.15
N LEU B 91 -5.11 -12.80 -0.07
CA LEU B 91 -4.13 -13.51 0.67
C LEU B 91 -3.16 -14.08 -0.32
N ASN B 92 -1.89 -13.72 -0.20
CA ASN B 92 -0.82 -14.18 -1.04
C ASN B 92 -0.22 -15.51 -0.54
N LEU B 93 -0.72 -16.66 -0.99
CA LEU B 93 -0.25 -17.97 -0.51
C LEU B 93 0.57 -18.77 -1.52
N ARG B 94 1.72 -19.25 -1.14
CA ARG B 94 2.49 -20.06 -2.04
C ARG B 94 3.24 -21.08 -1.24
N GLU B 95 3.88 -22.01 -1.90
CA GLU B 95 4.61 -23.04 -1.23
C GLU B 95 5.73 -22.54 -0.29
N GLY B 96 6.40 -21.47 -0.62
CA GLY B 96 7.50 -20.94 0.13
C GLY B 96 7.05 -20.04 1.26
N ASN B 97 5.76 -19.69 1.33
CA ASN B 97 5.32 -18.93 2.50
C ASN B 97 4.23 -19.57 3.33
N ILE B 98 3.72 -20.75 2.90
CA ILE B 98 2.55 -21.28 3.55
C ILE B 98 2.78 -21.53 5.02
N MET B 99 3.90 -22.11 5.40
CA MET B 99 4.08 -22.46 6.80
C MET B 99 4.15 -21.22 7.67
N ALA B 100 4.87 -20.19 7.21
CA ALA B 100 4.99 -18.96 7.95
C ALA B 100 3.62 -18.24 8.06
N VAL B 101 2.88 -18.21 6.95
CA VAL B 101 1.60 -17.57 6.97
C VAL B 101 0.68 -18.31 7.93
N MET B 102 0.65 -19.64 7.84
CA MET B 102 -0.22 -20.41 8.71
C MET B 102 0.12 -20.20 10.16
N ALA B 103 1.40 -20.30 10.53
CA ALA B 103 1.78 -20.12 11.95
C ALA B 103 1.42 -18.71 12.43
N THR B 104 1.64 -17.69 11.57
CA THR B 104 1.31 -16.32 11.94
C THR B 104 -0.20 -16.17 12.16
N ALA B 105 -0.99 -16.78 11.27
CA ALA B 105 -2.43 -16.67 11.38
C ALA B 105 -2.93 -17.36 12.61
N MET B 106 -2.28 -18.48 12.99
CA MET B 106 -2.61 -19.12 14.27
C MET B 106 -2.37 -18.21 15.45
N TYR B 107 -1.19 -17.61 15.47
CA TYR B 107 -0.81 -16.68 16.55
C TYR B 107 -1.79 -15.49 16.60
N LEU B 108 -2.12 -14.93 15.43
CA LEU B 108 -3.04 -13.80 15.38
C LEU B 108 -4.50 -14.18 15.61
N GLN B 109 -4.78 -15.46 15.65
CA GLN B 109 -6.12 -15.99 15.87
C GLN B 109 -7.03 -15.50 14.72
N MET B 110 -6.69 -15.94 13.52
CA MET B 110 -7.40 -15.62 12.28
C MET B 110 -7.84 -16.92 11.63
N GLU B 111 -8.99 -17.42 12.08
CA GLU B 111 -9.37 -18.81 11.79
C GLU B 111 -9.59 -19.09 10.33
N HIS B 112 -10.22 -18.15 9.61
CA HIS B 112 -10.51 -18.42 8.21
C HIS B 112 -9.21 -18.60 7.39
N VAL B 113 -8.22 -17.78 7.70
CA VAL B 113 -6.92 -17.91 7.04
C VAL B 113 -6.26 -19.23 7.43
N VAL B 114 -6.30 -19.62 8.69
CA VAL B 114 -5.75 -20.91 9.07
C VAL B 114 -6.41 -22.03 8.31
N ASP B 115 -7.73 -21.98 8.21
CA ASP B 115 -8.46 -23.04 7.49
C ASP B 115 -8.08 -23.05 6.00
N THR B 116 -7.90 -21.88 5.43
CA THR B 116 -7.47 -21.77 4.04
C THR B 116 -6.06 -22.35 3.82
N CYS B 117 -5.19 -22.11 4.78
CA CYS B 117 -3.88 -22.73 4.77
C CYS B 117 -3.95 -24.25 4.82
N ARG B 118 -4.85 -24.79 5.64
N ARG B 118 -4.85 -24.79 5.64
CA ARG B 118 -5.03 -26.22 5.69
CA ARG B 118 -5.03 -26.23 5.70
C ARG B 118 -5.51 -26.71 4.35
C ARG B 118 -5.52 -26.72 4.35
N LYS B 119 -6.42 -25.99 3.67
CA LYS B 119 -6.89 -26.33 2.34
C LYS B 119 -5.75 -26.30 1.34
N PHE B 120 -4.84 -25.34 1.47
CA PHE B 120 -3.68 -25.25 0.60
C PHE B 120 -2.79 -26.47 0.81
N ILE B 121 -2.64 -26.91 2.04
CA ILE B 121 -1.85 -28.09 2.33
C ILE B 121 -2.53 -29.33 1.73
N LYS B 122 -3.84 -29.41 1.81
CA LYS B 122 -4.56 -30.53 1.23
C LYS B 122 -4.38 -30.57 -0.27
N ALA B 123 -4.39 -29.42 -0.91
CA ALA B 123 -4.24 -29.32 -2.35
C ALA B 123 -2.83 -29.57 -2.88
N SER B 124 -1.83 -29.43 -2.03
CA SER B 124 -0.41 -29.44 -2.42
C SER B 124 0.54 -30.45 -1.71
N GLU B 125 0.23 -30.93 -0.48
CA GLU B 125 1.16 -31.85 0.26
C GLU B 125 1.28 -33.18 -0.47
N SER C 3 20.01 -13.47 -22.11
CA SER C 3 19.56 -14.69 -21.40
C SER C 3 18.04 -14.84 -21.49
N GLN C 4 17.58 -16.08 -21.65
CA GLN C 4 16.17 -16.37 -21.70
C GLN C 4 15.66 -16.84 -20.33
N ILE C 5 16.53 -16.80 -19.31
CA ILE C 5 16.07 -17.18 -17.99
C ILE C 5 15.53 -15.88 -17.38
N GLN C 6 14.21 -15.72 -17.44
CA GLN C 6 13.54 -14.52 -17.01
C GLN C 6 12.68 -14.79 -15.81
N PHE C 7 12.73 -13.91 -14.82
CA PHE C 7 11.94 -14.07 -13.61
C PHE C 7 10.78 -13.10 -13.78
N THR C 8 9.59 -13.65 -13.90
CA THR C 8 8.44 -12.82 -14.25
C THR C 8 7.93 -11.95 -13.14
N ARG C 9 8.09 -12.34 -11.89
CA ARG C 9 7.60 -11.51 -10.79
C ARG C 9 8.69 -10.62 -10.18
N HIS C 10 9.90 -10.63 -10.74
CA HIS C 10 11.00 -9.85 -10.11
C HIS C 10 10.74 -8.35 -10.08
N ALA C 11 10.40 -7.78 -11.25
CA ALA C 11 10.21 -6.32 -11.31
C ALA C 11 9.10 -5.82 -10.36
N SER C 12 7.99 -6.56 -10.33
CA SER C 12 6.90 -6.18 -9.44
CA SER C 12 6.91 -6.25 -9.43
C SER C 12 7.33 -6.29 -7.99
N ASP C 13 8.12 -7.30 -7.66
CA ASP C 13 8.60 -7.45 -6.28
C ASP C 13 9.59 -6.34 -5.91
N VAL C 14 10.43 -5.95 -6.86
CA VAL C 14 11.31 -4.81 -6.60
C VAL C 14 10.48 -3.58 -6.26
N LEU C 15 9.47 -3.31 -7.11
CA LEU C 15 8.66 -2.11 -6.90
C LEU C 15 7.93 -2.15 -5.55
N LEU C 16 7.42 -3.34 -5.20
CA LEU C 16 6.78 -3.55 -3.90
C LEU C 16 7.75 -3.18 -2.78
N ASN C 17 8.99 -3.65 -2.87
CA ASN C 17 9.97 -3.32 -1.86
C ASN C 17 10.35 -1.85 -1.82
N LEU C 18 10.46 -1.23 -3.01
CA LEU C 18 10.68 0.21 -3.01
C LEU C 18 9.54 0.97 -2.30
N ASN C 19 8.31 0.50 -2.50
CA ASN C 19 7.19 1.08 -1.80
C ASN C 19 7.24 0.87 -0.30
N ARG C 20 7.69 -0.32 0.13
CA ARG C 20 7.88 -0.58 1.56
C ARG C 20 8.95 0.36 2.14
N LEU C 21 10.03 0.59 1.40
CA LEU C 21 11.03 1.55 1.86
C LEU C 21 10.42 2.95 1.99
N ARG C 22 9.69 3.36 0.95
CA ARG C 22 9.07 4.68 0.96
C ARG C 22 8.15 4.85 2.16
N SER C 23 7.37 3.82 2.48
CA SER C 23 6.42 3.88 3.63
C SER C 23 7.13 4.13 4.94
N ARG C 24 8.39 3.71 5.02
CA ARG C 24 9.18 3.84 6.23
C ARG C 24 10.21 4.99 6.15
N ASP C 25 10.13 5.79 5.08
CA ASP C 25 11.04 6.88 4.87
C ASP C 25 12.52 6.45 4.76
N ILE C 26 12.75 5.22 4.29
CA ILE C 26 14.12 4.71 4.17
C ILE C 26 14.70 5.09 2.81
N LEU C 27 15.77 5.85 2.88
CA LEU C 27 16.54 6.28 1.69
C LEU C 27 15.79 7.22 0.77
N THR C 28 14.61 7.70 1.19
CA THR C 28 13.95 8.77 0.49
C THR C 28 14.88 10.00 0.54
N ASP C 29 14.93 10.70 -0.57
CA ASP C 29 15.90 11.77 -0.75
C ASP C 29 15.31 13.06 -1.23
N VAL C 30 13.98 13.13 -1.27
CA VAL C 30 13.35 14.39 -1.67
C VAL C 30 12.01 14.46 -1.01
N VAL C 31 11.63 15.69 -0.73
CA VAL C 31 10.23 15.98 -0.39
CA VAL C 31 10.25 16.04 -0.38
C VAL C 31 9.65 16.86 -1.51
N ILE C 32 8.53 16.40 -2.03
CA ILE C 32 7.78 17.12 -3.06
C ILE C 32 6.69 17.88 -2.33
N VAL C 33 6.65 19.17 -2.53
CA VAL C 33 5.64 20.00 -1.90
C VAL C 33 4.59 20.40 -2.95
N VAL C 34 3.33 20.16 -2.61
CA VAL C 34 2.18 20.51 -3.49
C VAL C 34 1.18 21.23 -2.62
N SER C 35 1.11 22.55 -2.74
CA SER C 35 0.22 23.37 -1.91
C SER C 35 0.53 23.08 -0.45
N ARG C 36 -0.44 22.59 0.35
CA ARG C 36 -0.15 22.39 1.77
C ARG C 36 0.35 20.98 2.14
N GLU C 37 0.56 20.16 1.13
CA GLU C 37 0.88 18.76 1.34
C GLU C 37 2.34 18.47 0.93
N GLN C 38 2.96 17.57 1.68
CA GLN C 38 4.34 17.18 1.43
C GLN C 38 4.35 15.68 1.17
N PHE C 39 5.18 15.24 0.22
CA PHE C 39 5.28 13.84 -0.13
C PHE C 39 6.75 13.45 -0.21
N ARG C 40 7.16 12.45 0.56
CA ARG C 40 8.53 11.98 0.50
C ARG C 40 8.65 10.88 -0.54
N ALA C 41 9.78 10.89 -1.26
CA ALA C 41 9.96 9.92 -2.33
C ALA C 41 11.44 9.69 -2.61
N HIS C 42 11.66 8.72 -3.51
CA HIS C 42 13.00 8.45 -4.05
C HIS C 42 13.10 9.10 -5.41
N LYS C 43 14.12 9.98 -5.58
CA LYS C 43 14.31 10.63 -6.85
C LYS C 43 14.44 9.65 -8.01
N THR C 44 15.08 8.50 -7.77
CA THR C 44 15.22 7.51 -8.84
C THR C 44 13.87 7.06 -9.38
N VAL C 45 12.93 6.77 -8.46
CA VAL C 45 11.60 6.32 -8.89
C VAL C 45 10.89 7.46 -9.63
N LEU C 46 11.00 8.68 -9.12
CA LEU C 46 10.35 9.80 -9.79
C LEU C 46 10.85 9.95 -11.21
N MET C 47 12.17 9.89 -11.39
CA MET C 47 12.78 10.02 -12.72
C MET C 47 12.33 8.91 -13.65
N ALA C 48 12.19 7.72 -13.06
CA ALA C 48 11.80 6.57 -13.83
C ALA C 48 10.36 6.59 -14.34
N CYS C 49 9.52 7.43 -13.70
CA CYS C 49 8.10 7.42 -13.96
C CYS C 49 7.51 8.70 -14.54
N SER C 50 8.31 9.75 -14.72
CA SER C 50 7.76 11.06 -15.04
C SER C 50 8.72 11.84 -15.91
N GLY C 51 8.22 12.38 -17.01
CA GLY C 51 9.06 13.24 -17.82
C GLY C 51 9.48 14.50 -17.09
N LEU C 52 8.57 15.07 -16.28
CA LEU C 52 8.91 16.27 -15.54
C LEU C 52 10.05 16.00 -14.57
N PHE C 53 9.90 14.94 -13.75
CA PHE C 53 10.95 14.69 -12.77
C PHE C 53 12.25 14.25 -13.42
N TYR C 54 12.15 13.53 -14.54
CA TYR C 54 13.36 13.18 -15.29
C TYR C 54 14.11 14.44 -15.73
N SER C 55 13.37 15.42 -16.27
CA SER C 55 13.98 16.68 -16.68
C SER C 55 14.57 17.45 -15.52
N ILE C 56 13.82 17.51 -14.42
CA ILE C 56 14.29 18.23 -13.25
C ILE C 56 15.58 17.61 -12.72
N PHE C 57 15.57 16.31 -12.49
CA PHE C 57 16.70 15.70 -11.77
C PHE C 57 17.87 15.31 -12.64
N THR C 58 17.71 15.35 -13.96
CA THR C 58 18.89 15.22 -14.79
C THR C 58 19.78 16.44 -14.66
N ASP C 59 19.19 17.63 -14.47
CA ASP C 59 19.94 18.84 -14.21
C ASP C 59 20.68 18.63 -12.92
N GLN C 60 22.00 18.63 -13.01
CA GLN C 60 22.80 18.26 -11.88
C GLN C 60 22.66 19.24 -10.71
N LEU C 61 22.28 20.48 -10.98
CA LEU C 61 22.06 21.44 -9.91
C LEU C 61 20.78 21.16 -9.16
N LYS C 62 19.77 20.74 -9.87
CA LYS C 62 18.50 20.40 -9.20
C LYS C 62 18.53 19.01 -8.58
N ARG C 63 19.42 18.16 -9.12
CA ARG C 63 19.53 16.79 -8.65
C ARG C 63 19.86 16.72 -7.18
N ASN C 64 20.55 17.74 -6.67
CA ASN C 64 20.99 17.77 -5.28
C ASN C 64 20.05 18.51 -4.32
N LEU C 65 18.90 18.92 -4.82
CA LEU C 65 17.89 19.52 -3.96
C LEU C 65 17.19 18.46 -3.15
N SER C 66 16.91 18.76 -1.90
CA SER C 66 16.15 17.86 -1.05
C SER C 66 14.67 18.22 -0.98
N VAL C 67 14.29 19.37 -1.52
CA VAL C 67 12.88 19.85 -1.57
C VAL C 67 12.58 20.39 -2.98
N ILE C 68 11.49 19.93 -3.58
CA ILE C 68 11.03 20.45 -4.87
C ILE C 68 9.61 20.94 -4.66
N ASN C 69 9.37 22.20 -4.98
CA ASN C 69 8.02 22.75 -4.95
C ASN C 69 7.38 22.62 -6.33
N LEU C 70 6.27 21.93 -6.39
CA LEU C 70 5.54 21.85 -7.64
C LEU C 70 4.59 23.05 -7.74
N ASP C 71 4.06 23.25 -8.93
CA ASP C 71 3.07 24.28 -9.17
C ASP C 71 1.96 24.19 -8.11
N PRO C 72 1.69 25.28 -7.34
CA PRO C 72 0.66 25.19 -6.29
C PRO C 72 -0.77 25.09 -6.80
N GLU C 73 -0.96 25.20 -8.11
CA GLU C 73 -2.25 24.89 -8.72
C GLU C 73 -2.54 23.42 -8.89
N ILE C 74 -1.52 22.58 -8.70
CA ILE C 74 -1.69 21.15 -8.83
C ILE C 74 -2.48 20.66 -7.64
N ASN C 75 -3.44 19.82 -7.95
CA ASN C 75 -4.26 19.21 -6.96
C ASN C 75 -3.49 18.15 -6.18
N PRO C 76 -3.37 18.30 -4.85
CA PRO C 76 -2.55 17.31 -4.12
C PRO C 76 -3.13 15.90 -4.12
N GLU C 77 -4.44 15.75 -4.23
CA GLU C 77 -5.02 14.43 -4.34
C GLU C 77 -4.61 13.80 -5.67
N GLY C 78 -4.65 14.59 -6.74
CA GLY C 78 -4.16 14.12 -8.02
C GLY C 78 -2.73 13.65 -7.94
N PHE C 79 -1.90 14.47 -7.29
CA PHE C 79 -0.51 14.09 -7.13
C PHE C 79 -0.36 12.81 -6.31
N ASN C 80 -1.09 12.68 -5.22
CA ASN C 80 -0.98 11.50 -4.37
C ASN C 80 -1.34 10.24 -5.15
N ILE C 81 -2.40 10.31 -5.95
CA ILE C 81 -2.82 9.19 -6.75
C ILE C 81 -1.71 8.78 -7.70
N LEU C 82 -1.04 9.76 -8.32
CA LEU C 82 0.02 9.44 -9.27
C LEU C 82 1.27 8.93 -8.59
N LEU C 83 1.63 9.47 -7.43
CA LEU C 83 2.75 8.96 -6.67
C LEU C 83 2.51 7.51 -6.27
N ASP C 84 1.30 7.21 -5.83
N ASP C 84 1.29 7.22 -5.85
CA ASP C 84 0.97 5.84 -5.45
CA ASP C 84 0.97 5.86 -5.48
C ASP C 84 1.07 4.93 -6.67
C ASP C 84 1.09 4.94 -6.68
N PHE C 85 0.57 5.40 -7.80
CA PHE C 85 0.68 4.67 -9.05
C PHE C 85 2.17 4.35 -9.36
N MET C 86 3.03 5.34 -9.22
CA MET C 86 4.46 5.11 -9.52
C MET C 86 5.02 3.94 -8.72
N TYR C 87 4.57 3.82 -7.45
CA TYR C 87 5.10 2.82 -6.57
C TYR C 87 4.33 1.51 -6.54
N THR C 88 3.22 1.40 -7.27
CA THR C 88 2.36 0.23 -7.23
C THR C 88 1.89 -0.35 -8.56
N SER C 89 1.97 0.34 -9.72
CA SER C 89 1.38 0.02 -11.03
C SER C 89 -0.16 0.09 -11.03
N ARG C 90 -0.78 0.63 -9.99
CA ARG C 90 -2.23 0.63 -9.93
C ARG C 90 -2.71 2.07 -9.91
N LEU C 91 -3.68 2.38 -10.76
CA LEU C 91 -4.18 3.73 -10.86
C LEU C 91 -5.64 3.75 -10.42
N ASN C 92 -5.96 4.56 -9.43
CA ASN C 92 -7.31 4.62 -8.92
C ASN C 92 -8.05 5.79 -9.56
N LEU C 93 -8.90 5.52 -10.53
CA LEU C 93 -9.62 6.57 -11.21
C LEU C 93 -11.10 6.55 -10.83
N ARG C 94 -11.68 7.71 -10.56
CA ARG C 94 -13.11 7.82 -10.29
C ARG C 94 -13.61 9.06 -10.95
N GLU C 95 -14.92 9.16 -11.09
CA GLU C 95 -15.48 10.36 -11.70
C GLU C 95 -15.10 11.61 -10.91
N GLY C 96 -15.07 11.52 -9.59
CA GLY C 96 -14.67 12.60 -8.73
C GLY C 96 -13.23 13.08 -8.86
N ASN C 97 -12.33 12.24 -9.35
CA ASN C 97 -10.94 12.68 -9.49
C ASN C 97 -10.32 12.61 -10.90
N ILE C 98 -11.08 12.20 -11.89
CA ILE C 98 -10.49 11.92 -13.19
C ILE C 98 -9.85 13.16 -13.79
N MET C 99 -10.55 14.29 -13.72
CA MET C 99 -10.02 15.48 -14.35
C MET C 99 -8.75 15.93 -13.69
N ALA C 100 -8.71 15.88 -12.37
CA ALA C 100 -7.56 16.28 -11.62
C ALA C 100 -6.38 15.32 -11.89
N VAL C 101 -6.65 14.02 -11.91
CA VAL C 101 -5.59 13.06 -12.21
C VAL C 101 -5.04 13.27 -13.61
N MET C 102 -5.95 13.48 -14.58
CA MET C 102 -5.52 13.70 -15.96
C MET C 102 -4.66 14.94 -16.10
N ALA C 103 -5.11 16.04 -15.54
CA ALA C 103 -4.33 17.28 -15.65
C ALA C 103 -2.98 17.15 -14.93
N THR C 104 -2.97 16.46 -13.77
CA THR C 104 -1.71 16.28 -13.05
C THR C 104 -0.76 15.37 -13.86
N ALA C 105 -1.30 14.36 -14.53
CA ALA C 105 -0.46 13.46 -15.32
C ALA C 105 0.11 14.18 -16.53
N MET C 106 -0.67 15.12 -17.12
CA MET C 106 -0.13 15.95 -18.20
C MET C 106 1.05 16.75 -17.68
N TYR C 107 0.88 17.39 -16.53
CA TYR C 107 1.96 18.21 -15.95
C TYR C 107 3.21 17.38 -15.62
N LEU C 108 2.98 16.19 -15.08
CA LEU C 108 4.09 15.32 -14.71
C LEU C 108 4.68 14.60 -15.93
N GLN C 109 4.02 14.73 -17.08
CA GLN C 109 4.48 14.08 -18.30
C GLN C 109 4.52 12.58 -18.16
N MET C 110 3.32 12.02 -17.92
CA MET C 110 3.08 10.60 -17.72
C MET C 110 2.11 10.14 -18.78
N GLU C 111 2.61 9.84 -19.97
CA GLU C 111 1.74 9.73 -21.12
C GLU C 111 0.75 8.59 -21.03
N HIS C 112 1.19 7.44 -20.57
CA HIS C 112 0.30 6.30 -20.52
C HIS C 112 -0.91 6.56 -19.59
N VAL C 113 -0.65 7.18 -18.44
CA VAL C 113 -1.74 7.55 -17.55
C VAL C 113 -2.70 8.55 -18.24
N VAL C 114 -2.16 9.53 -18.95
CA VAL C 114 -3.03 10.47 -19.69
C VAL C 114 -3.94 9.72 -20.64
N ASP C 115 -3.37 8.77 -21.36
CA ASP C 115 -4.15 8.00 -22.28
C ASP C 115 -5.24 7.18 -21.57
N THR C 116 -4.88 6.58 -20.45
CA THR C 116 -5.83 5.82 -19.65
C THR C 116 -6.95 6.72 -19.16
N CYS C 117 -6.61 7.94 -18.80
CA CYS C 117 -7.66 8.92 -18.40
C CYS C 117 -8.61 9.22 -19.56
N ARG C 118 -8.07 9.33 -20.78
CA ARG C 118 -8.93 9.50 -21.95
C ARG C 118 -9.85 8.31 -22.13
N LYS C 119 -9.32 7.12 -21.91
CA LYS C 119 -10.17 5.93 -21.98
C LYS C 119 -11.28 5.96 -20.93
N PHE C 120 -10.95 6.38 -19.72
CA PHE C 120 -11.97 6.49 -18.67
C PHE C 120 -13.04 7.48 -19.04
N ILE C 121 -12.66 8.60 -19.61
CA ILE C 121 -13.64 9.60 -20.09
C ILE C 121 -14.52 8.99 -21.19
N LYS C 122 -13.90 8.30 -22.12
CA LYS C 122 -14.63 7.68 -23.20
C LYS C 122 -15.59 6.62 -22.68
N ALA C 123 -15.23 5.91 -21.63
CA ALA C 123 -16.07 4.89 -21.09
C ALA C 123 -17.14 5.40 -20.12
N SER C 124 -17.09 6.66 -19.74
CA SER C 124 -18.06 7.19 -18.80
C SER C 124 -19.42 7.39 -19.45
N SER D 3 -12.70 2.75 -11.07
CA SER D 3 -11.90 1.69 -11.65
C SER D 3 -10.53 1.55 -10.98
N GLN D 4 -10.05 0.33 -10.80
CA GLN D 4 -8.70 0.09 -10.31
C GLN D 4 -8.01 -0.42 -11.55
N ILE D 5 -7.08 0.35 -12.09
CA ILE D 5 -6.47 -0.04 -13.32
C ILE D 5 -5.04 -0.47 -13.08
N GLN D 6 -4.70 -1.63 -13.61
CA GLN D 6 -3.37 -2.20 -13.46
C GLN D 6 -2.58 -1.97 -14.73
N PHE D 7 -1.36 -1.48 -14.62
CA PHE D 7 -0.56 -1.24 -15.79
C PHE D 7 0.46 -2.37 -15.73
N THR D 8 0.36 -3.36 -16.58
CA THR D 8 1.13 -4.59 -16.48
C THR D 8 2.60 -4.42 -16.83
N ARG D 9 2.96 -3.40 -17.58
CA ARG D 9 4.33 -3.18 -17.97
C ARG D 9 5.05 -2.15 -17.13
N HIS D 10 4.33 -1.51 -16.21
CA HIS D 10 4.88 -0.41 -15.46
C HIS D 10 6.11 -0.79 -14.62
N ALA D 11 6.03 -1.89 -13.86
CA ALA D 11 7.17 -2.26 -13.00
C ALA D 11 8.42 -2.58 -13.84
N SER D 12 8.23 -3.31 -14.93
N SER D 12 8.22 -3.32 -14.90
CA SER D 12 9.37 -3.64 -15.78
CA SER D 12 9.31 -3.63 -15.80
C SER D 12 9.97 -2.39 -16.43
C SER D 12 9.97 -2.39 -16.41
N ASP D 13 9.12 -1.43 -16.79
CA ASP D 13 9.62 -0.17 -17.35
C ASP D 13 10.33 0.69 -16.29
N VAL D 14 9.84 0.67 -15.06
CA VAL D 14 10.56 1.34 -13.98
C VAL D 14 11.96 0.74 -13.82
N LEU D 15 12.02 -0.60 -13.79
CA LEU D 15 13.29 -1.27 -13.58
C LEU D 15 14.28 -0.97 -14.72
N LEU D 16 13.76 -0.94 -15.95
CA LEU D 16 14.58 -0.56 -17.13
C LEU D 16 15.15 0.81 -16.91
N ASN D 17 14.31 1.77 -16.51
CA ASN D 17 14.77 3.12 -16.28
C ASN D 17 15.78 3.20 -15.13
N LEU D 18 15.57 2.41 -14.07
CA LEU D 18 16.59 2.33 -12.99
C LEU D 18 17.93 1.83 -13.53
N ASN D 19 17.87 0.84 -14.41
CA ASN D 19 19.10 0.31 -15.02
C ASN D 19 19.79 1.36 -15.90
N ARG D 20 18.95 2.13 -16.63
CA ARG D 20 19.49 3.24 -17.41
C ARG D 20 20.17 4.29 -16.52
N LEU D 21 19.56 4.62 -15.41
CA LEU D 21 20.20 5.53 -14.45
C LEU D 21 21.51 4.96 -13.96
N ARG D 22 21.53 3.65 -13.63
CA ARG D 22 22.77 3.03 -13.20
C ARG D 22 23.85 3.15 -14.26
N SER D 23 23.49 2.94 -15.51
CA SER D 23 24.47 3.01 -16.61
C SER D 23 25.08 4.40 -16.70
N ARG D 24 24.31 5.43 -16.37
CA ARG D 24 24.80 6.81 -16.40
C ARG D 24 25.34 7.33 -15.06
N ASP D 25 25.37 6.44 -14.06
CA ASP D 25 25.80 6.77 -12.71
C ASP D 25 24.99 7.87 -12.03
N ILE D 26 23.70 7.91 -12.38
CA ILE D 26 22.81 8.93 -11.83
C ILE D 26 22.19 8.42 -10.55
N LEU D 27 22.48 9.15 -9.47
CA LEU D 27 21.88 8.90 -8.15
C LEU D 27 22.37 7.61 -7.49
N THR D 28 23.38 6.95 -8.08
CA THR D 28 23.98 5.83 -7.40
C THR D 28 24.62 6.34 -6.12
N ASP D 29 24.60 5.52 -5.07
CA ASP D 29 25.00 5.98 -3.77
C ASP D 29 25.87 4.98 -3.04
N VAL D 30 26.35 3.94 -3.73
CA VAL D 30 27.26 3.02 -3.10
C VAL D 30 28.13 2.38 -4.16
N VAL D 31 29.35 2.06 -3.72
CA VAL D 31 30.27 1.19 -4.48
C VAL D 31 30.40 -0.11 -3.68
N ILE D 32 30.11 -1.20 -4.33
CA ILE D 32 30.33 -2.55 -3.77
C ILE D 32 31.67 -3.03 -4.28
N VAL D 33 32.52 -3.43 -3.34
CA VAL D 33 33.84 -3.93 -3.71
C VAL D 33 33.90 -5.42 -3.46
N VAL D 34 34.36 -6.15 -4.47
CA VAL D 34 34.50 -7.59 -4.41
C VAL D 34 35.90 -7.90 -4.90
N SER D 35 36.81 -8.14 -3.94
CA SER D 35 38.24 -8.21 -4.21
C SER D 35 38.72 -6.98 -4.97
N ARG D 36 39.24 -7.14 -6.18
CA ARG D 36 39.75 -5.96 -6.89
C ARG D 36 38.68 -5.18 -7.61
N GLU D 37 37.52 -5.79 -7.77
CA GLU D 37 36.48 -5.21 -8.58
C GLU D 37 35.48 -4.34 -7.81
N GLN D 38 35.02 -3.31 -8.48
CA GLN D 38 34.07 -2.35 -7.93
C GLN D 38 32.85 -2.31 -8.78
N PHE D 39 31.70 -2.16 -8.14
CA PHE D 39 30.40 -2.06 -8.81
C PHE D 39 29.57 -0.93 -8.20
N ARG D 40 29.09 -0.01 -9.00
CA ARG D 40 28.29 1.10 -8.49
C ARG D 40 26.83 0.77 -8.60
N ALA D 41 26.04 1.16 -7.61
CA ALA D 41 24.63 0.80 -7.61
C ALA D 41 23.83 1.72 -6.71
N HIS D 42 22.53 1.51 -6.76
CA HIS D 42 21.57 2.20 -5.90
C HIS D 42 21.28 1.31 -4.69
N LYS D 43 21.49 1.84 -3.51
CA LYS D 43 21.16 1.09 -2.31
C LYS D 43 19.74 0.56 -2.30
N THR D 44 18.82 1.42 -2.75
CA THR D 44 17.41 0.99 -2.72
C THR D 44 17.14 -0.27 -3.56
N VAL D 45 17.76 -0.34 -4.76
CA VAL D 45 17.62 -1.52 -5.58
C VAL D 45 18.25 -2.75 -4.90
N LEU D 46 19.46 -2.56 -4.38
CA LEU D 46 20.14 -3.67 -3.71
C LEU D 46 19.28 -4.22 -2.57
N MET D 47 18.75 -3.31 -1.73
CA MET D 47 17.90 -3.68 -0.60
C MET D 47 16.64 -4.40 -1.03
N ALA D 48 16.10 -3.97 -2.17
CA ALA D 48 14.90 -4.56 -2.70
C ALA D 48 15.08 -5.98 -3.21
N CYS D 49 16.34 -6.35 -3.48
CA CYS D 49 16.65 -7.62 -4.18
C CYS D 49 17.44 -8.62 -3.36
N SER D 50 17.86 -8.29 -2.16
CA SER D 50 18.83 -9.10 -1.43
C SER D 50 18.65 -8.98 0.04
N GLY D 51 18.54 -10.11 0.73
CA GLY D 51 18.47 -10.09 2.20
C GLY D 51 19.75 -9.50 2.81
N LEU D 52 20.91 -9.82 2.23
CA LEU D 52 22.14 -9.29 2.78
C LEU D 52 22.22 -7.77 2.67
N PHE D 53 21.87 -7.23 1.50
CA PHE D 53 21.93 -5.80 1.33
C PHE D 53 20.85 -5.09 2.17
N TYR D 54 19.68 -5.71 2.29
CA TYR D 54 18.66 -5.16 3.18
C TYR D 54 19.17 -5.04 4.61
N SER D 55 19.87 -6.08 5.09
CA SER D 55 20.48 -6.01 6.40
C SER D 55 21.57 -4.97 6.49
N ILE D 56 22.45 -4.95 5.49
CA ILE D 56 23.56 -3.98 5.52
C ILE D 56 23.07 -2.52 5.55
N PHE D 57 22.12 -2.22 4.69
CA PHE D 57 21.69 -0.83 4.53
C PHE D 57 20.60 -0.41 5.51
N THR D 58 20.19 -1.29 6.43
CA THR D 58 19.41 -0.89 7.60
C THR D 58 20.24 -1.02 8.88
N ASP D 59 21.51 -1.44 8.78
CA ASP D 59 22.42 -1.59 9.91
C ASP D 59 22.93 -0.23 10.34
N GLN D 60 22.84 0.05 11.63
CA GLN D 60 23.27 1.33 12.11
C GLN D 60 24.72 1.70 11.78
N LEU D 61 25.60 0.69 11.72
CA LEU D 61 27.02 0.94 11.45
C LEU D 61 27.31 1.15 9.96
N LYS D 62 26.54 0.52 9.10
CA LYS D 62 26.87 0.44 7.70
C LYS D 62 25.99 1.27 6.78
N ARG D 63 24.81 1.66 7.27
CA ARG D 63 23.78 2.14 6.38
C ARG D 63 24.18 3.41 5.61
N ASN D 64 25.01 4.24 6.19
CA ASN D 64 25.41 5.50 5.55
C ASN D 64 26.72 5.43 4.76
N LEU D 65 27.35 4.25 4.72
CA LEU D 65 28.62 4.10 4.02
C LEU D 65 28.44 4.23 2.51
N SER D 66 29.44 4.80 1.88
CA SER D 66 29.42 4.91 0.42
C SER D 66 30.18 3.78 -0.26
N VAL D 67 30.91 2.97 0.53
CA VAL D 67 31.68 1.83 0.03
C VAL D 67 31.39 0.66 0.95
N ILE D 68 31.03 -0.47 0.36
CA ILE D 68 30.82 -1.73 1.11
C ILE D 68 31.73 -2.79 0.52
N ASN D 69 32.57 -3.37 1.38
CA ASN D 69 33.43 -4.48 0.97
C ASN D 69 32.77 -5.80 1.27
N LEU D 70 32.48 -6.59 0.25
CA LEU D 70 31.93 -7.92 0.43
C LEU D 70 33.10 -8.87 0.72
N ASP D 71 32.73 -10.06 1.11
CA ASP D 71 33.72 -11.12 1.33
C ASP D 71 34.56 -11.18 0.06
N PRO D 72 35.91 -11.08 0.13
CA PRO D 72 36.76 -11.18 -1.06
C PRO D 72 36.84 -12.59 -1.68
N GLU D 73 36.31 -13.59 -1.00
CA GLU D 73 36.17 -14.92 -1.59
C GLU D 73 35.03 -15.04 -2.57
N ILE D 74 34.15 -14.04 -2.61
CA ILE D 74 33.08 -14.04 -3.59
C ILE D 74 33.61 -13.83 -4.97
N ASN D 75 33.13 -14.62 -5.91
CA ASN D 75 33.51 -14.49 -7.31
C ASN D 75 32.93 -13.21 -7.93
N PRO D 76 33.79 -12.29 -8.43
CA PRO D 76 33.24 -11.02 -8.89
C PRO D 76 32.33 -11.17 -10.11
N GLU D 77 32.59 -12.16 -10.96
CA GLU D 77 31.71 -12.42 -12.10
C GLU D 77 30.33 -12.92 -11.62
N GLY D 78 30.31 -13.80 -10.63
CA GLY D 78 29.07 -14.25 -10.00
C GLY D 78 28.31 -13.06 -9.45
N PHE D 79 29.00 -12.17 -8.75
CA PHE D 79 28.37 -10.98 -8.27
C PHE D 79 27.79 -10.11 -9.39
N ASN D 80 28.56 -9.89 -10.45
CA ASN D 80 28.09 -9.08 -11.54
C ASN D 80 26.85 -9.65 -12.22
N ILE D 81 26.81 -10.98 -12.38
CA ILE D 81 25.66 -11.62 -12.96
C ILE D 81 24.42 -11.36 -12.10
N LEU D 82 24.57 -11.42 -10.79
CA LEU D 82 23.45 -11.18 -9.89
C LEU D 82 23.06 -9.70 -9.87
N LEU D 83 24.02 -8.79 -9.93
CA LEU D 83 23.71 -7.37 -9.99
C LEU D 83 22.91 -7.08 -11.25
N ASP D 84 23.34 -7.62 -12.38
N ASP D 84 23.34 -7.62 -12.38
CA ASP D 84 22.60 -7.40 -13.63
CA ASP D 84 22.61 -7.36 -13.61
C ASP D 84 21.19 -7.97 -13.51
C ASP D 84 21.20 -7.96 -13.52
N PHE D 85 21.05 -9.13 -12.92
CA PHE D 85 19.75 -9.71 -12.65
C PHE D 85 18.88 -8.76 -11.84
N MET D 86 19.45 -8.17 -10.81
CA MET D 86 18.65 -7.25 -10.01
C MET D 86 17.99 -6.16 -10.84
N TYR D 87 18.77 -5.62 -11.78
CA TYR D 87 18.34 -4.50 -12.61
C TYR D 87 17.63 -4.87 -13.91
N THR D 88 17.46 -6.17 -14.21
CA THR D 88 16.89 -6.59 -15.47
C THR D 88 15.86 -7.74 -15.42
N SER D 89 15.70 -8.52 -14.32
CA SER D 89 14.90 -9.78 -14.18
C SER D 89 15.45 -10.90 -15.07
N ARG D 90 16.65 -10.72 -15.63
N ARG D 90 16.66 -10.72 -15.62
CA ARG D 90 17.26 -11.75 -16.52
CA ARG D 90 17.26 -11.75 -16.50
C ARG D 90 18.51 -12.32 -15.82
C ARG D 90 18.52 -12.31 -15.83
N LEU D 91 18.59 -13.63 -15.73
CA LEU D 91 19.73 -14.27 -15.05
C LEU D 91 20.58 -14.96 -16.12
N ASN D 92 21.83 -14.57 -16.31
CA ASN D 92 22.70 -15.17 -17.32
C ASN D 92 23.43 -16.39 -16.77
N LEU D 93 22.67 -17.45 -16.54
CA LEU D 93 23.17 -18.71 -15.97
C LEU D 93 23.73 -19.56 -17.10
N ARG D 94 24.89 -20.12 -16.84
CA ARG D 94 25.58 -21.01 -17.78
C ARG D 94 26.21 -22.17 -17.01
N GLU D 95 26.47 -23.29 -17.67
CA GLU D 95 27.10 -24.45 -17.02
C GLU D 95 28.38 -23.95 -16.36
N GLY D 96 29.16 -23.00 -16.96
CA GLY D 96 30.42 -22.51 -16.43
C GLY D 96 30.36 -21.56 -15.25
N ASN D 97 29.16 -21.01 -14.99
CA ASN D 97 29.00 -20.06 -13.87
C ASN D 97 27.98 -20.47 -12.82
N ILE D 98 27.23 -21.56 -13.06
CA ILE D 98 26.07 -21.82 -12.17
C ILE D 98 26.50 -22.02 -10.73
N MET D 99 27.63 -22.72 -10.51
CA MET D 99 28.05 -22.93 -9.13
C MET D 99 28.37 -21.63 -8.41
N ALA D 100 29.15 -20.78 -9.06
CA ALA D 100 29.52 -19.51 -8.50
C ALA D 100 28.30 -18.60 -8.27
N VAL D 101 27.39 -18.61 -9.24
CA VAL D 101 26.18 -17.81 -9.10
C VAL D 101 25.33 -18.30 -7.93
N MET D 102 25.18 -19.61 -7.83
CA MET D 102 24.40 -20.17 -6.73
C MET D 102 25.01 -19.83 -5.38
N ALA D 103 26.32 -20.01 -5.23
CA ALA D 103 26.94 -19.73 -3.94
C ALA D 103 26.88 -18.23 -3.62
N THR D 104 27.01 -17.42 -4.65
CA THR D 104 26.93 -15.97 -4.43
C THR D 104 25.47 -15.57 -4.03
N ALA D 105 24.49 -16.19 -4.68
CA ALA D 105 23.08 -15.89 -4.34
C ALA D 105 22.77 -16.33 -2.94
N MET D 106 23.41 -17.42 -2.47
CA MET D 106 23.23 -17.81 -1.08
C MET D 106 23.75 -16.72 -0.16
N TYR D 107 24.97 -16.25 -0.46
CA TYR D 107 25.59 -15.24 0.37
C TYR D 107 24.75 -13.95 0.35
N LEU D 108 24.23 -13.57 -0.82
CA LEU D 108 23.42 -12.35 -0.93
C LEU D 108 21.99 -12.54 -0.39
N GLN D 109 21.61 -13.76 -0.08
CA GLN D 109 20.30 -14.07 0.44
C GLN D 109 19.26 -13.73 -0.61
N MET D 110 19.37 -14.37 -1.78
CA MET D 110 18.46 -14.22 -2.91
C MET D 110 17.83 -15.58 -3.19
N GLU D 111 16.75 -15.87 -2.47
CA GLU D 111 16.28 -17.22 -2.43
C GLU D 111 15.78 -17.75 -3.78
N HIS D 112 15.03 -16.94 -4.53
CA HIS D 112 14.47 -17.44 -5.77
C HIS D 112 15.58 -17.84 -6.75
N VAL D 113 16.65 -17.04 -6.80
CA VAL D 113 17.79 -17.41 -7.65
C VAL D 113 18.43 -18.71 -7.17
N VAL D 114 18.60 -18.87 -5.85
CA VAL D 114 19.17 -20.12 -5.36
C VAL D 114 18.31 -21.31 -5.78
N ASP D 115 17.00 -21.18 -5.58
CA ASP D 115 16.09 -22.23 -5.97
C ASP D 115 16.15 -22.55 -7.46
N THR D 116 16.23 -21.51 -8.31
CA THR D 116 16.34 -21.67 -9.73
C THR D 116 17.61 -22.43 -10.12
N CYS D 117 18.72 -22.05 -9.48
CA CYS D 117 19.98 -22.78 -9.67
C CYS D 117 19.81 -24.25 -9.35
N ARG D 118 19.19 -24.52 -8.19
CA ARG D 118 18.96 -25.91 -7.80
C ARG D 118 18.17 -26.65 -8.86
N LYS D 119 17.16 -26.00 -9.43
CA LYS D 119 16.34 -26.63 -10.43
C LYS D 119 17.14 -26.96 -11.68
N PHE D 120 18.07 -26.09 -12.02
CA PHE D 120 18.95 -26.30 -13.19
C PHE D 120 20.06 -27.33 -12.99
N ILE D 121 20.28 -27.65 -11.73
CA ILE D 121 21.18 -28.70 -11.37
C ILE D 121 20.34 -29.99 -11.40
N LYS D 122 19.12 -29.98 -10.82
CA LYS D 122 18.25 -31.16 -10.79
C LYS D 122 17.83 -31.67 -12.17
N ALA D 123 17.63 -30.74 -13.10
CA ALA D 123 17.29 -31.04 -14.48
C ALA D 123 18.51 -31.38 -15.32
N SER D 124 19.70 -31.17 -14.77
CA SER D 124 20.94 -31.46 -15.47
C SER D 124 21.51 -32.83 -15.07
S SO4 E . -22.54 4.94 20.78
O1 SO4 E . -21.23 5.12 20.19
O2 SO4 E . -23.44 4.48 19.73
O3 SO4 E . -23.00 6.27 21.23
O4 SO4 E . -22.60 3.99 21.91
C1 GOL F . -26.81 1.01 12.19
O1 GOL F . -25.42 1.26 12.05
C2 GOL F . -26.96 0.48 13.59
O2 GOL F . -26.81 -0.93 13.47
C3 GOL F . -28.35 0.89 14.04
O3 GOL F . -28.43 2.28 13.83
CL CL G . -16.67 21.99 13.61
O14 YJJ H . -13.09 8.48 -1.40
C01 YJJ H . -18.77 11.38 -4.35
C03 YJJ H . -16.80 11.50 -2.95
C05 YJJ H . -16.32 9.68 -1.36
C06 YJJ H . -17.44 8.98 -1.73
C07 YJJ H . -18.31 9.58 -2.80
C09 YJJ H . -17.43 7.78 -0.93
C10 YJJ H . -16.29 7.84 -0.11
C12 YJJ H . -14.48 9.42 0.24
C13 YJJ H . -13.21 8.77 -0.29
C16 YJJ H . -10.94 8.06 0.48
C17 YJJ H . -10.39 8.16 -0.77
C18 YJJ H . -9.08 7.68 -0.97
C20 YJJ H . -8.93 7.08 1.24
C21 YJJ H . -10.22 7.54 1.51
C24 YJJ H . -7.09 7.55 -2.44
C25 YJJ H . -6.60 8.05 -3.81
C27 YJJ H . -8.69 7.47 -4.75
C28 YJJ H . -9.21 8.08 -3.44
C29 YJJ H . -18.32 6.69 -0.84
C30 YJJ H . -17.86 5.45 -0.41
C31 YJJ H . -18.73 4.38 -0.28
C32 YJJ H . -18.18 3.03 0.17
C33 YJJ H . -20.08 4.56 -0.55
C35 YJJ H . -20.54 5.83 -0.96
C36 YJJ H . -19.70 6.87 -1.10
C37 YJJ H . -22.02 6.06 -1.28
N02 YJJ H . -17.95 10.81 -3.35
N04 YJJ H . -15.96 10.94 -1.94
N11 YJJ H . -15.66 8.96 -0.39
N15 YJJ H . -12.24 8.58 0.68
N19 YJJ H . -8.41 7.17 0.01
N23 YJJ H . -8.48 7.74 -2.30
N38 YJJ H . -23.11 6.24 -1.50
O08 YJJ H . -19.33 9.03 -3.19
O26 YJJ H . -7.26 7.34 -4.82
O34 YJJ H . -21.01 3.46 -0.42
CL22 YJJ H . -10.84 7.39 3.10
C1 GOL I . -10.16 5.94 14.54
C1 GOL I . -9.55 6.08 13.86
O1 GOL I . -10.88 6.50 13.43
O1 GOL I . -10.83 6.58 13.45
C2 GOL I . -9.87 4.44 14.43
C2 GOL I . -9.66 4.64 14.37
O2 GOL I . -10.12 3.90 13.14
O2 GOL I . -10.34 4.67 15.62
C3 GOL I . -8.43 4.14 14.82
C3 GOL I . -8.27 4.07 14.61
O3 GOL I . -8.35 2.83 15.40
O3 GOL I . -8.37 2.86 15.37
O14 YJJ J . -14.28 -11.08 16.73
C01 YJJ J . -10.72 -16.86 15.69
C03 YJJ J . -11.20 -14.78 16.82
C05 YJJ J . -11.56 -12.85 15.59
C06 YJJ J . -11.42 -13.46 14.37
C07 YJJ J . -11.12 -14.90 14.35
C09 YJJ J . -11.66 -12.45 13.37
C10 YJJ J . -11.89 -11.26 14.07
C12 YJJ J . -12.01 -10.53 16.40
C13 YJJ J . -13.48 -10.23 16.68
C16 YJJ J . -14.96 -8.30 17.23
C17 YJJ J . -15.97 -9.08 17.75
C18 YJJ J . -17.13 -8.40 18.24
C20 YJJ J . -16.29 -6.38 17.64
C21 YJJ J . -15.11 -6.94 17.16
C24 YJJ J . -19.15 -8.42 19.57
C25 YJJ J . -20.49 -9.20 19.72
C27 YJJ J . -19.46 -11.22 18.99
C28 YJJ J . -18.10 -10.55 18.94
C29 YJJ J . -11.61 -12.49 11.92
C30 YJJ J . -12.36 -11.61 11.16
C31 YJJ J . -12.27 -11.58 9.75
C32 YJJ J . -13.15 -10.58 8.96
C33 YJJ J . -11.44 -12.49 9.11
C35 YJJ J . -10.64 -13.35 9.87
C36 YJJ J . -10.74 -13.39 11.24
C37 YJJ J . -9.75 -14.33 9.20
N02 YJJ J . -11.03 -15.45 15.62
N04 YJJ J . -11.44 -13.43 16.82
N11 YJJ J . -11.85 -11.52 15.40
N15 YJJ J . -13.72 -8.85 16.82
N19 YJJ J . -17.28 -7.11 18.17
N23 YJJ J . -18.23 -9.17 18.74
N38 YJJ J . -9.03 -15.11 8.77
O08 YJJ J . -10.98 -15.59 13.35
O26 YJJ J . -20.21 -10.55 20.02
O34 YJJ J . -11.30 -12.51 7.69
CL22 YJJ J . -13.88 -5.91 16.56
S SO4 K . 5.13 -18.77 17.23
O1 SO4 K . 4.58 -19.60 16.13
O2 SO4 K . 6.07 -17.80 16.70
O3 SO4 K . 5.80 -19.65 18.18
O4 SO4 K . 4.06 -18.05 17.96
CL CL L . 6.72 -20.76 -3.74
CL CL M . -24.64 -2.64 -5.36
S SO4 N . 8.62 -16.98 -12.22
O1 SO4 N . 9.95 -16.52 -11.85
O2 SO4 N . 8.57 -17.09 -13.67
O3 SO4 N . 8.40 -18.27 -11.56
O4 SO4 N . 7.59 -16.05 -11.77
C1 GOL O . 18.33 7.49 -5.04
O1 GOL O . 17.06 8.22 -5.24
C2 GOL O . 18.19 6.24 -4.17
O2 GOL O . 17.19 5.39 -4.76
C3 GOL O . 19.52 5.48 -4.12
O3 GOL O . 19.54 4.42 -3.15
O14 YJJ P . 11.91 8.34 -19.62
C01 YJJ P . 5.97 11.14 -21.61
C03 YJJ P . 8.18 11.22 -20.65
C05 YJJ P . 8.82 9.70 -19.04
C06 YJJ P . 7.63 9.01 -19.02
C07 YJJ P . 6.58 9.52 -19.94
C09 YJJ P . 7.75 7.91 -18.11
C10 YJJ P . 9.01 8.03 -17.57
C12 YJJ P . 10.98 9.50 -17.77
C13 YJJ P . 12.02 8.67 -18.50
C16 YJJ P . 14.33 7.78 -18.08
C17 YJJ P . 14.64 7.69 -19.41
C18 YJJ P . 15.89 7.12 -19.75
C20 YJJ P . 16.48 6.88 -17.57
C21 YJJ P . 15.23 7.39 -17.14
C24 YJJ P . 17.57 6.84 -21.45
C25 YJJ P . 17.80 6.11 -22.79
C27 YJJ P . 15.60 6.59 -23.47
C28 YJJ P . 15.32 7.38 -22.17
C29 YJJ P . 6.83 6.90 -17.67
C30 YJJ P . 7.33 5.69 -17.16
C31 YJJ P . 6.44 4.74 -16.66
C32 YJJ P . 7.04 3.44 -16.10
C33 YJJ P . 5.06 4.98 -16.63
C35 YJJ P . 4.62 6.20 -17.15
C36 YJJ P . 5.44 7.13 -17.65
C37 YJJ P . 3.15 6.51 -17.21
N02 YJJ P . 6.96 10.59 -20.71
N04 YJJ P . 9.19 10.79 -19.83
N11 YJJ P . 9.67 9.08 -18.12
N15 YJJ P . 13.11 8.39 -17.67
N19 YJJ P . 16.76 6.76 -18.87
N23 YJJ P . 16.18 6.93 -21.15
N38 YJJ P . 2.08 6.78 -17.28
O08 YJJ P . 5.46 9.03 -20.06
O26 YJJ P . 16.99 6.63 -23.81
O34 YJJ P . 4.14 4.01 -16.15
CL22 YJJ P . 14.95 7.53 -15.47
CL CL Q . 24.21 11.60 -9.21
O14 YJJ R . 12.97 -8.23 1.74
C01 YJJ R . 15.73 -14.53 1.15
C03 YJJ R . 15.64 -12.24 1.91
C05 YJJ R . 15.19 -10.50 0.44
C06 YJJ R . 15.05 -11.33 -0.65
C07 YJJ R . 15.23 -12.80 -0.44
C09 YJJ R . 14.71 -10.51 -1.79
C10 YJJ R . 14.73 -9.18 -1.27
C12 YJJ R . 15.16 -8.06 0.88
C13 YJJ R . 13.85 -7.54 1.41
C16 YJJ R . 12.79 -5.36 2.04
C17 YJJ R . 12.00 -5.89 3.01
C18 YJJ R . 11.03 -5.07 3.64
C20 YJJ R . 11.70 -3.28 2.38
C21 YJJ R . 12.64 -4.05 1.70
C24 YJJ R . 9.70 -4.58 5.65
C25 YJJ R . 8.53 -5.22 6.48
C27 YJJ R . 9.35 -7.40 6.07
C28 YJJ R . 10.50 -6.87 5.22
C29 YJJ R . 14.51 -10.78 -3.17
C30 YJJ R . 13.75 -9.90 -3.96
C31 YJJ R . 13.64 -10.09 -5.34
C32 YJJ R . 12.82 -9.10 -6.15
C33 YJJ R . 14.26 -11.19 -5.94
C35 YJJ R . 15.02 -12.05 -5.12
C36 YJJ R . 15.16 -11.86 -3.77
C37 YJJ R . 15.67 -13.24 -5.72
N02 YJJ R . 15.51 -13.14 0.87
N04 YJJ R . 15.45 -10.91 1.73
N11 YJJ R . 15.00 -9.21 0.07
N15 YJJ R . 13.79 -6.14 1.44
N19 YJJ R . 10.89 -3.80 3.31
N23 YJJ R . 10.19 -5.57 4.68
N38 YJJ R . 16.20 -14.15 -6.13
O08 YJJ R . 15.15 -13.66 -1.31
O26 YJJ R . 8.98 -6.45 7.08
O34 YJJ R . 14.16 -11.43 -7.31
CL22 YJJ R . 13.66 -3.29 0.56
S SO4 S . -1.01 -2.40 -20.03
O1 SO4 S . -0.31 -3.63 -20.43
O2 SO4 S . -0.21 -1.24 -20.26
O3 SO4 S . -2.24 -2.19 -20.82
O4 SO4 S . -1.40 -2.60 -18.68
S SO4 T . 28.82 6.55 -5.20
O1 SO4 T . 30.23 6.66 -5.57
O2 SO4 T . 28.32 7.91 -5.23
O3 SO4 T . 28.18 5.69 -6.21
O4 SO4 T . 28.80 6.01 -3.85
CL CL U . 29.15 -6.98 5.17
#